data_3QCT
#
_entry.id   3QCT
#
_cell.length_a   84.523
_cell.length_b   84.523
_cell.length_c   145.276
_cell.angle_alpha   90.00
_cell.angle_beta   90.00
_cell.angle_gamma   90.00
#
_symmetry.space_group_name_H-M   'P 43 21 2'
#
loop_
_entity.id
_entity.type
_entity.pdbx_description
1 polymer 'LT3015 antibody Fab fragment, heavy chain'
2 polymer 'LT3015 antibody Fab fragment, light chain'
3 non-polymer 'SULFATE ION'
4 non-polymer 'TRIETHYLENE GLYCOL'
5 water water
#
loop_
_entity_poly.entity_id
_entity_poly.type
_entity_poly.pdbx_seq_one_letter_code
_entity_poly.pdbx_strand_id
1 'polypeptide(L)'
;EVQLVQSGAEVKKPGESLKISCQAFGYGFINYLIEWIRQMPGQGLEWIGLINPGSDYTNYNENFKGQATLSADKSSSTAY
LQWSSLKASDTAMYFCARRFGYYGSGNYFDYWGQGTMVTVSSASTKGPSVFPLAPSSKSTSGGTAALGCLVKDYFPEPVT
VSWNSGALTSGVHTFPAVLQSSGLYSLSSVVTVPSSSLGTQTYICNVNHKPSNTKVDKRVEPK
;
H
2 'polypeptide(L)'
;DVVMTQTPLSLPVTPGEPASISCTSGQSLVHINGNTYLHWYLQKPGQSPKLLIYKVSNLFSGVPDRFSGSGSGTDFTLKI
SRVEAEDVGVYFCSQSTHFPFTFGQGTKLEIKRTVAAPSVFIFPPSDEQLKSGTASVVCLLNNFYPREAKVQWKVDNALQ
SGNSQESVTEQDSKDSTYSLSSTLTLSKADYEKHKVYACEVTHQGLSSPVTKSFNRGE
;
L
#
# COMPACT_ATOMS: atom_id res chain seq x y z
N GLU A 1 -25.96 6.53 -6.07
CA GLU A 1 -25.40 6.69 -4.70
C GLU A 1 -24.71 8.04 -4.46
N VAL A 2 -24.88 8.59 -3.25
CA VAL A 2 -24.25 9.87 -2.86
C VAL A 2 -22.82 9.67 -2.37
N GLN A 3 -21.90 10.36 -2.98
CA GLN A 3 -20.52 10.14 -2.72
C GLN A 3 -19.82 11.40 -2.39
N LEU A 4 -18.58 11.27 -2.03
CA LEU A 4 -17.86 12.49 -1.70
C LEU A 4 -16.68 12.65 -2.65
N VAL A 5 -16.42 13.89 -3.05
CA VAL A 5 -15.32 14.12 -3.97
C VAL A 5 -14.30 15.04 -3.33
N GLN A 6 -13.04 14.58 -3.25
CA GLN A 6 -11.98 15.37 -2.63
C GLN A 6 -11.05 16.04 -3.65
N SER A 7 -10.37 17.09 -3.21
CA SER A 7 -9.31 17.74 -3.95
C SER A 7 -8.06 16.86 -4.23
N GLY A 8 -7.17 17.34 -5.07
CA GLY A 8 -6.07 16.53 -5.62
C GLY A 8 -4.83 16.44 -4.74
N ALA A 9 -3.93 15.52 -5.08
CA ALA A 9 -2.72 15.24 -4.30
C ALA A 9 -2.00 16.50 -3.86
N GLU A 10 -1.41 16.44 -2.67
CA GLU A 10 -0.64 17.55 -2.12
C GLU A 10 0.80 17.12 -1.90
N VAL A 11 1.73 18.00 -2.25
CA VAL A 11 3.13 17.76 -1.98
C VAL A 11 3.67 18.99 -1.23
N LYS A 12 4.09 18.78 0.01
CA LYS A 12 4.45 19.90 0.87
C LYS A 12 5.77 19.67 1.59
N LYS A 13 6.42 20.76 1.96
CA LYS A 13 7.65 20.72 2.73
C LYS A 13 7.30 20.77 4.21
N PRO A 14 8.10 20.15 5.09
CA PRO A 14 7.86 20.26 6.53
C PRO A 14 7.83 21.72 6.94
N GLY A 15 6.85 22.10 7.74
CA GLY A 15 6.66 23.50 8.13
C GLY A 15 5.56 24.22 7.38
N GLU A 16 5.19 23.71 6.21
CA GLU A 16 4.14 24.35 5.40
C GLU A 16 2.74 23.97 5.88
N SER A 17 1.74 24.66 5.33
CA SER A 17 0.35 24.39 5.67
C SER A 17 -0.38 23.67 4.52
N LEU A 18 -1.60 23.28 4.76
CA LEU A 18 -2.31 22.51 3.81
C LEU A 18 -3.77 22.85 3.89
N LYS A 19 -4.52 22.62 2.82
CA LYS A 19 -5.96 22.85 2.80
C LYS A 19 -6.59 21.94 1.77
N ILE A 20 -7.31 20.93 2.24
CA ILE A 20 -7.93 19.96 1.34
C ILE A 20 -9.45 19.96 1.49
N SER A 21 -10.16 19.58 0.44
CA SER A 21 -11.59 19.77 0.39
C SER A 21 -12.32 18.47 0.09
N CYS A 22 -13.59 18.44 0.46
CA CYS A 22 -14.42 17.25 0.38
C CYS A 22 -15.83 17.75 0.07
N GLN A 23 -16.25 17.61 -1.19
CA GLN A 23 -17.53 18.14 -1.64
C GLN A 23 -18.54 17.02 -1.74
N ALA A 24 -19.68 17.17 -1.12
CA ALA A 24 -20.74 16.22 -1.36
C ALA A 24 -21.49 16.50 -2.65
N PHE A 25 -21.63 15.49 -3.47
CA PHE A 25 -22.23 15.60 -4.81
C PHE A 25 -23.65 15.06 -4.70
N GLY A 26 -24.17 15.02 -3.48
CA GLY A 26 -25.38 14.33 -3.12
C GLY A 26 -26.20 15.30 -2.31
N TYR A 27 -27.43 14.99 -1.96
CA TYR A 27 -27.90 14.85 -0.58
C TYR A 27 -27.96 16.18 0.17
N GLY A 28 -28.01 16.11 1.50
CA GLY A 28 -27.88 17.29 2.31
C GLY A 28 -26.75 17.30 3.32
N PHE A 29 -25.82 18.16 3.02
CA PHE A 29 -24.54 18.26 3.62
C PHE A 29 -24.65 18.67 5.06
N ILE A 30 -25.61 19.54 5.41
CA ILE A 30 -25.64 20.16 6.76
C ILE A 30 -25.97 19.16 7.87
N ASN A 31 -26.55 18.03 7.52
CA ASN A 31 -26.90 17.01 8.51
C ASN A 31 -25.83 15.91 8.67
N TYR A 32 -24.76 15.99 7.87
CA TYR A 32 -23.73 14.94 7.86
C TYR A 32 -22.87 14.93 9.12
N LEU A 33 -22.52 13.74 9.58
CA LEU A 33 -21.38 13.61 10.48
C LEU A 33 -20.18 13.22 9.63
N ILE A 34 -19.39 14.22 9.29
CA ILE A 34 -18.25 14.03 8.38
C ILE A 34 -17.00 13.81 9.19
N GLU A 35 -16.36 12.67 8.96
CA GLU A 35 -15.10 12.35 9.60
C GLU A 35 -13.94 12.50 8.64
N TRP A 36 -12.80 12.88 9.20
CA TRP A 36 -11.52 12.84 8.50
C TRP A 36 -10.65 11.74 9.10
N ILE A 37 -10.13 10.88 8.24
CA ILE A 37 -9.40 9.70 8.64
C ILE A 37 -8.22 9.63 7.67
N ARG A 38 -7.02 9.46 8.21
CA ARG A 38 -5.86 9.28 7.35
C ARG A 38 -5.29 7.87 7.48
N GLN A 39 -4.79 7.38 6.35
CA GLN A 39 -4.20 6.08 6.29
C GLN A 39 -2.71 6.22 6.03
N MET A 40 -1.94 5.70 6.96
CA MET A 40 -0.50 5.85 7.00
C MET A 40 0.17 4.92 5.99
N PRO A 41 1.43 5.14 5.65
CA PRO A 41 1.95 4.62 4.37
C PRO A 41 1.91 3.08 4.18
N GLY A 42 2.24 2.28 5.19
CA GLY A 42 1.85 0.87 5.21
C GLY A 42 1.02 0.57 6.46
N GLN A 43 0.28 1.57 6.92
CA GLN A 43 -0.24 1.46 8.27
C GLN A 43 -1.77 1.45 8.41
N GLY A 44 -2.18 1.71 9.63
CA GLY A 44 -3.55 1.65 9.97
C GLY A 44 -4.19 2.97 9.66
N LEU A 45 -5.31 3.17 10.32
CA LEU A 45 -6.10 4.33 10.14
C LEU A 45 -5.86 5.18 11.37
N GLU A 46 -5.69 6.48 11.15
CA GLU A 46 -5.61 7.42 12.25
C GLU A 46 -6.81 8.37 12.11
N TRP A 47 -7.60 8.46 13.17
CA TRP A 47 -8.80 9.25 13.15
C TRP A 47 -8.38 10.66 13.50
N ILE A 48 -8.75 11.61 12.64
CA ILE A 48 -8.34 13.01 12.79
C ILE A 48 -9.37 13.82 13.57
N GLY A 49 -10.63 13.73 13.15
CA GLY A 49 -11.70 14.53 13.74
C GLY A 49 -13.04 14.33 13.06
N LEU A 50 -14.05 15.04 13.57
CA LEU A 50 -15.41 15.00 13.03
C LEU A 50 -15.99 16.43 12.98
N ILE A 51 -16.79 16.71 11.96
CA ILE A 51 -17.56 17.94 11.88
C ILE A 51 -19.01 17.62 11.48
N ASN A 52 -19.95 18.31 12.12
CA ASN A 52 -21.30 18.40 11.63
C ASN A 52 -21.45 19.85 11.18
N PRO A 53 -21.66 20.06 9.86
CA PRO A 53 -21.68 21.41 9.32
C PRO A 53 -22.81 22.25 9.91
N GLY A 54 -23.99 21.65 10.05
CA GLY A 54 -25.14 22.27 10.71
C GLY A 54 -24.72 23.11 11.91
N SER A 55 -24.31 22.42 12.98
CA SER A 55 -23.94 23.04 14.25
C SER A 55 -22.62 23.79 14.24
N ASP A 56 -21.71 23.34 13.37
CA ASP A 56 -20.27 23.64 13.45
C ASP A 56 -19.57 22.89 14.62
N TYR A 57 -20.23 21.86 15.17
CA TYR A 57 -19.56 20.99 16.14
C TYR A 57 -18.31 20.37 15.54
N THR A 58 -17.23 20.42 16.30
CA THR A 58 -15.99 19.80 15.91
C THR A 58 -15.40 19.06 17.10
N ASN A 59 -14.90 17.85 16.83
CA ASN A 59 -14.12 17.11 17.79
C ASN A 59 -12.81 16.72 17.15
N TYR A 60 -11.72 16.93 17.86
CA TYR A 60 -10.37 16.69 17.35
C TYR A 60 -9.66 15.61 18.15
N ASN A 61 -8.98 14.72 17.44
CA ASN A 61 -8.00 13.86 18.07
C ASN A 61 -6.93 14.77 18.69
N GLU A 62 -6.75 14.64 19.99
CA GLU A 62 -5.86 15.50 20.78
C GLU A 62 -4.48 15.64 20.14
N ASN A 63 -3.93 14.54 19.63
CA ASN A 63 -2.64 14.57 18.93
C ASN A 63 -2.55 15.57 17.79
N PHE A 64 -3.67 15.91 17.16
CA PHE A 64 -3.61 16.79 16.01
C PHE A 64 -4.19 18.17 16.27
N LYS A 65 -4.69 18.38 17.48
CA LYS A 65 -5.32 19.65 17.86
C LYS A 65 -4.32 20.80 17.75
N GLY A 66 -4.76 21.90 17.18
CA GLY A 66 -3.83 23.01 16.95
C GLY A 66 -2.80 22.75 15.86
N GLN A 67 -2.97 21.63 15.14
CA GLN A 67 -2.39 21.49 13.82
C GLN A 67 -3.58 21.46 12.85
N ALA A 68 -4.61 20.68 13.20
CA ALA A 68 -5.78 20.47 12.34
C ALA A 68 -6.91 21.45 12.61
N THR A 69 -7.60 21.84 11.53
CA THR A 69 -8.83 22.64 11.57
C THR A 69 -9.87 22.11 10.60
N LEU A 70 -11.02 21.71 11.14
CA LEU A 70 -12.15 21.32 10.34
C LEU A 70 -13.08 22.53 10.20
N SER A 71 -13.58 22.74 8.99
CA SER A 71 -14.54 23.79 8.70
C SER A 71 -15.49 23.32 7.60
N ALA A 72 -16.57 24.06 7.38
CA ALA A 72 -17.58 23.69 6.40
C ALA A 72 -18.07 24.91 5.65
N ASP A 73 -18.15 24.82 4.32
CA ASP A 73 -18.84 25.84 3.53
C ASP A 73 -20.23 25.36 3.19
N LYS A 74 -21.21 25.79 3.98
CA LYS A 74 -22.60 25.36 3.86
C LYS A 74 -23.21 25.79 2.53
N SER A 75 -22.64 26.81 1.90
CA SER A 75 -23.14 27.29 0.60
C SER A 75 -22.78 26.38 -0.59
N SER A 76 -21.59 25.76 -0.55
CA SER A 76 -21.15 24.87 -1.64
C SER A 76 -21.15 23.38 -1.30
N SER A 77 -21.68 23.02 -0.13
CA SER A 77 -21.67 21.64 0.34
C SER A 77 -20.26 21.02 0.41
N THR A 78 -19.28 21.83 0.81
CA THR A 78 -17.88 21.40 0.85
C THR A 78 -17.32 21.48 2.27
N ALA A 79 -16.73 20.38 2.73
CA ALA A 79 -15.99 20.30 4.01
C ALA A 79 -14.50 20.49 3.75
N TYR A 80 -13.82 21.19 4.65
CA TYR A 80 -12.38 21.44 4.51
C TYR A 80 -11.58 20.90 5.70
N LEU A 81 -10.34 20.47 5.43
CA LEU A 81 -9.37 20.15 6.48
C LEU A 81 -8.14 21.02 6.28
N GLN A 82 -7.90 21.94 7.20
CA GLN A 82 -6.68 22.73 7.15
C GLN A 82 -5.69 22.12 8.12
N TRP A 83 -4.40 22.29 7.82
CA TRP A 83 -3.35 21.71 8.65
C TRP A 83 -2.08 22.53 8.56
N SER A 84 -1.66 23.13 9.67
CA SER A 84 -0.41 23.92 9.69
C SER A 84 0.78 23.13 10.25
N SER A 85 1.98 23.71 10.10
CA SER A 85 3.26 23.07 10.47
C SER A 85 3.30 21.57 10.17
N LEU A 86 3.09 21.21 8.91
CA LEU A 86 3.13 19.79 8.54
C LEU A 86 4.46 19.17 8.94
N LYS A 87 4.42 17.93 9.40
CA LYS A 87 5.62 17.18 9.73
C LYS A 87 5.71 16.04 8.72
N ALA A 88 6.89 15.45 8.55
CA ALA A 88 7.03 14.30 7.66
C ALA A 88 6.08 13.15 8.02
N SER A 89 5.79 12.99 9.31
CA SER A 89 4.90 11.92 9.76
C SER A 89 3.42 12.18 9.40
N ASP A 90 3.13 13.32 8.78
CA ASP A 90 1.76 13.62 8.32
C ASP A 90 1.56 13.12 6.90
N THR A 91 2.58 12.47 6.34
CA THR A 91 2.49 11.77 5.05
C THR A 91 1.51 10.62 5.14
N ALA A 92 0.42 10.73 4.37
CA ALA A 92 -0.69 9.78 4.50
C ALA A 92 -1.72 9.97 3.37
N MET A 93 -2.52 8.95 3.12
CA MET A 93 -3.71 9.12 2.30
C MET A 93 -4.83 9.67 3.22
N TYR A 94 -5.31 10.88 2.94
CA TYR A 94 -6.42 11.49 3.71
C TYR A 94 -7.81 11.25 3.11
N PHE A 95 -8.71 10.71 3.93
CA PHE A 95 -10.07 10.41 3.54
C PHE A 95 -11.08 11.30 4.26
N CYS A 96 -12.13 11.71 3.56
CA CYS A 96 -13.29 12.20 4.26
C CYS A 96 -14.34 11.11 4.15
N ALA A 97 -15.24 11.05 5.11
CA ALA A 97 -16.22 9.97 5.13
C ALA A 97 -17.49 10.34 5.89
N ARG A 98 -18.61 9.76 5.50
CA ARG A 98 -19.81 9.86 6.29
C ARG A 98 -20.17 8.45 6.67
N ARG A 99 -20.13 8.16 7.96
CA ARG A 99 -20.39 6.79 8.38
C ARG A 99 -21.56 6.67 9.32
N PHE A 100 -21.80 7.71 10.10
CA PHE A 100 -22.75 7.60 11.22
C PHE A 100 -23.82 8.69 11.15
N GLY A 101 -25.08 8.27 11.17
CA GLY A 101 -26.15 9.21 11.44
C GLY A 101 -26.12 9.58 12.92
N TYR A 102 -26.86 10.62 13.28
CA TYR A 102 -27.01 11.07 14.68
C TYR A 102 -27.28 9.87 15.56
N TYR A 103 -26.64 9.83 16.71
CA TYR A 103 -26.75 8.68 17.60
C TYR A 103 -28.18 8.46 18.13
N GLY A 104 -28.57 7.21 18.26
CA GLY A 104 -29.95 6.86 18.56
C GLY A 104 -30.81 6.68 17.32
N SER A 105 -30.40 7.25 16.19
CA SER A 105 -31.19 7.16 14.94
C SER A 105 -31.22 5.76 14.32
N GLY A 106 -30.18 4.97 14.57
CA GLY A 106 -30.06 3.66 13.93
C GLY A 106 -29.54 3.75 12.49
N ASN A 107 -29.16 4.95 12.07
CA ASN A 107 -28.74 5.19 10.69
C ASN A 107 -27.24 5.17 10.45
N TYR A 108 -26.86 4.35 9.48
CA TYR A 108 -25.47 4.10 9.14
C TYR A 108 -25.29 4.31 7.65
N PHE A 109 -24.15 4.89 7.29
CA PHE A 109 -23.80 5.10 5.90
C PHE A 109 -22.39 4.59 5.66
N ASP A 110 -21.91 4.69 4.43
CA ASP A 110 -20.55 4.34 4.12
C ASP A 110 -20.09 5.20 2.94
N TYR A 111 -20.16 6.52 3.06
CA TYR A 111 -19.65 7.37 1.99
C TYR A 111 -18.19 7.66 2.27
N TRP A 112 -17.33 7.38 1.27
CA TRP A 112 -15.94 7.72 1.35
C TRP A 112 -15.52 8.57 0.19
N GLY A 113 -14.79 9.63 0.50
CA GLY A 113 -14.11 10.38 -0.51
C GLY A 113 -13.13 9.47 -1.22
N GLN A 114 -12.44 9.79 -2.62
CA GLN A 114 -11.55 8.85 -3.31
C GLN A 114 -10.18 8.87 -2.63
N GLY A 115 -9.98 9.85 -1.74
CA GLY A 115 -8.75 10.03 -0.98
C GLY A 115 -7.90 11.15 -1.57
N THR A 116 -7.18 11.84 -0.69
CA THR A 116 -6.20 12.83 -1.11
C THR A 116 -4.81 12.40 -0.57
N MET A 117 -3.88 12.13 -1.49
CA MET A 117 -2.53 11.74 -1.10
C MET A 117 -1.79 13.00 -0.68
N VAL A 118 -1.26 12.99 0.55
CA VAL A 118 -0.45 14.10 1.02
C VAL A 118 0.99 13.62 1.26
N THR A 119 1.94 14.28 0.63
CA THR A 119 3.36 13.94 0.80
C THR A 119 4.04 15.11 1.48
N VAL A 120 4.66 14.84 2.62
CA VAL A 120 5.41 15.89 3.33
C VAL A 120 6.87 15.50 3.35
N SER A 121 7.68 16.24 2.61
CA SER A 121 9.12 15.97 2.45
C SER A 121 9.86 17.27 2.13
N SER A 122 11.12 17.36 2.53
CA SER A 122 11.93 18.54 2.17
C SER A 122 12.55 18.38 0.78
N ALA A 123 12.40 17.18 0.20
CA ALA A 123 12.97 16.90 -1.13
C ALA A 123 12.33 17.74 -2.22
N SER A 124 13.05 17.93 -3.32
CA SER A 124 12.56 18.71 -4.45
C SER A 124 12.22 17.82 -5.63
N THR A 125 11.29 18.28 -6.44
CA THR A 125 10.89 17.59 -7.67
C THR A 125 12.10 17.17 -8.47
N LYS A 126 12.18 15.87 -8.76
CA LYS A 126 13.22 15.34 -9.61
C LYS A 126 12.62 14.21 -10.43
N GLY A 127 13.01 14.16 -11.69
CA GLY A 127 12.56 13.12 -12.61
C GLY A 127 13.38 11.87 -12.40
N PRO A 128 12.82 10.70 -12.75
CA PRO A 128 13.55 9.45 -12.54
C PRO A 128 14.65 9.23 -13.57
N SER A 129 15.69 8.52 -13.16
CA SER A 129 16.59 7.91 -14.12
C SER A 129 16.08 6.50 -14.37
N VAL A 130 15.91 6.13 -15.64
CA VAL A 130 15.41 4.80 -16.01
C VAL A 130 16.55 3.93 -16.55
N PHE A 131 16.77 2.79 -15.93
CA PHE A 131 17.87 1.91 -16.32
C PHE A 131 17.35 0.53 -16.68
N PRO A 132 18.01 -0.13 -17.66
CA PRO A 132 17.54 -1.45 -18.07
C PRO A 132 17.91 -2.57 -17.10
N LEU A 133 16.97 -3.47 -16.86
CA LEU A 133 17.27 -4.74 -16.23
C LEU A 133 17.29 -5.78 -17.35
N ALA A 134 18.49 -6.05 -17.86
CA ALA A 134 18.66 -6.81 -19.10
C ALA A 134 18.44 -8.31 -18.89
N PRO A 135 17.75 -8.94 -19.86
CA PRO A 135 17.66 -10.41 -19.83
C PRO A 135 19.03 -11.01 -20.13
N SER A 136 19.55 -11.81 -19.21
CA SER A 136 20.87 -12.42 -19.39
C SER A 136 20.79 -13.67 -20.27
N SER A 137 21.92 -14.35 -20.45
CA SER A 137 21.99 -15.55 -21.28
C SER A 137 22.65 -16.73 -20.55
N GLY A 142 16.23 -21.35 -19.46
CA GLY A 142 15.46 -22.29 -20.28
C GLY A 142 14.27 -21.65 -20.96
N GLY A 143 13.06 -22.11 -20.61
CA GLY A 143 11.81 -21.67 -21.25
C GLY A 143 11.42 -20.22 -21.09
N THR A 144 11.66 -19.65 -19.90
CA THR A 144 11.20 -18.30 -19.58
C THR A 144 12.32 -17.34 -19.17
N ALA A 145 12.24 -16.12 -19.68
CA ALA A 145 13.20 -15.06 -19.36
C ALA A 145 12.49 -13.92 -18.63
N ALA A 146 13.23 -13.23 -17.77
CA ALA A 146 12.76 -12.02 -17.10
C ALA A 146 13.62 -10.82 -17.42
N LEU A 147 12.96 -9.70 -17.64
CA LEU A 147 13.61 -8.42 -17.92
C LEU A 147 12.82 -7.28 -17.26
N GLY A 148 13.40 -6.09 -17.22
CA GLY A 148 12.70 -4.96 -16.60
C GLY A 148 13.38 -3.61 -16.69
N CYS A 149 12.84 -2.66 -15.93
CA CYS A 149 13.38 -1.31 -15.85
C CYS A 149 13.52 -0.84 -14.40
N LEU A 150 14.71 -0.36 -14.06
CA LEU A 150 14.98 0.29 -12.79
C LEU A 150 14.66 1.77 -12.88
N VAL A 151 13.68 2.21 -12.10
CA VAL A 151 13.25 3.61 -12.07
C VAL A 151 13.74 4.21 -10.74
N LYS A 152 14.80 5.02 -10.82
CA LYS A 152 15.56 5.47 -9.64
C LYS A 152 15.56 6.99 -9.39
N ASP A 153 15.51 7.37 -8.11
CA ASP A 153 15.77 8.75 -7.67
C ASP A 153 14.79 9.78 -8.19
N TYR A 154 13.50 9.54 -7.97
CA TYR A 154 12.50 10.52 -8.38
C TYR A 154 11.73 11.02 -7.18
N PHE A 155 11.14 12.20 -7.35
CA PHE A 155 10.29 12.78 -6.32
C PHE A 155 9.30 13.75 -6.95
N PRO A 156 8.04 13.72 -6.51
CA PRO A 156 7.49 12.79 -5.55
C PRO A 156 6.91 11.57 -6.27
N GLU A 157 6.14 10.78 -5.53
CA GLU A 157 5.20 9.85 -6.14
C GLU A 157 4.08 10.65 -6.80
N PRO A 158 3.45 10.11 -7.88
CA PRO A 158 3.69 8.77 -8.35
C PRO A 158 4.43 8.71 -9.68
N VAL A 159 4.82 7.63 -10.12
CA VAL A 159 5.35 7.41 -11.44
C VAL A 159 4.39 6.43 -12.16
N THR A 160 4.30 6.38 -13.46
CA THR A 160 3.54 5.27 -14.06
C THR A 160 4.36 4.45 -15.02
N VAL A 161 4.20 3.15 -15.00
CA VAL A 161 4.98 2.31 -15.90
C VAL A 161 4.05 1.39 -16.67
N SER A 162 4.20 1.41 -17.99
CA SER A 162 3.59 0.40 -18.82
C SER A 162 4.68 -0.23 -19.68
N TRP A 163 4.33 -1.32 -20.36
CA TRP A 163 5.24 -1.97 -21.27
C TRP A 163 4.64 -1.94 -22.66
N ASN A 164 5.47 -1.55 -23.64
CA ASN A 164 5.07 -1.44 -25.04
C ASN A 164 3.73 -0.73 -25.21
N SER A 165 3.68 0.49 -24.68
CA SER A 165 2.50 1.37 -24.72
C SER A 165 1.19 0.75 -24.25
N GLY A 166 1.26 -0.25 -23.38
CA GLY A 166 0.07 -0.94 -22.89
C GLY A 166 -0.24 -2.25 -23.59
N ALA A 167 0.40 -2.47 -24.74
CA ALA A 167 0.24 -3.70 -25.51
C ALA A 167 0.70 -4.93 -24.73
N LEU A 168 1.68 -4.76 -23.84
CA LEU A 168 2.13 -5.87 -23.00
C LEU A 168 1.73 -5.73 -21.51
N THR A 169 0.90 -6.66 -21.05
CA THR A 169 0.43 -6.66 -19.66
C THR A 169 0.59 -8.00 -18.93
N SER A 170 0.63 -9.11 -19.67
CA SER A 170 0.77 -10.41 -19.03
C SER A 170 2.15 -10.56 -18.39
N GLY A 171 2.19 -11.18 -17.22
CA GLY A 171 3.45 -11.43 -16.50
C GLY A 171 4.17 -10.19 -15.96
N VAL A 172 3.52 -9.03 -16.02
CA VAL A 172 4.13 -7.77 -15.55
C VAL A 172 4.04 -7.63 -14.03
N HIS A 173 5.18 -7.36 -13.40
CA HIS A 173 5.21 -6.95 -12.00
C HIS A 173 5.93 -5.61 -11.83
N THR A 174 5.16 -4.59 -11.49
CA THR A 174 5.69 -3.28 -11.13
C THR A 174 5.68 -3.17 -9.61
N PHE A 175 6.86 -3.14 -9.02
CA PHE A 175 6.97 -3.08 -7.57
C PHE A 175 6.50 -1.76 -6.95
N PRO A 176 6.04 -1.81 -5.68
CA PRO A 176 5.79 -0.60 -4.92
C PRO A 176 7.08 0.24 -4.79
N ALA A 177 6.94 1.56 -4.80
CA ALA A 177 8.06 2.46 -4.55
C ALA A 177 8.55 2.30 -3.12
N VAL A 178 9.87 2.36 -2.95
CA VAL A 178 10.50 2.48 -1.64
C VAL A 178 11.19 3.83 -1.52
N LEU A 179 10.98 4.46 -0.37
CA LEU A 179 11.70 5.68 -0.03
C LEU A 179 13.16 5.29 0.27
N GLN A 180 14.12 5.86 -0.44
CA GLN A 180 15.54 5.54 -0.23
C GLN A 180 16.09 6.40 0.93
N SER A 181 17.31 6.07 1.39
CA SER A 181 18.03 6.88 2.38
C SER A 181 18.20 8.35 1.97
N SER A 182 18.37 8.61 0.67
CA SER A 182 18.31 9.99 0.17
C SER A 182 16.85 10.32 0.34
N GLY A 183 16.40 11.54 0.14
CA GLY A 183 14.94 11.70 0.29
C GLY A 183 14.10 11.16 -0.88
N LEU A 184 14.62 10.18 -1.63
CA LEU A 184 14.10 9.91 -2.99
C LEU A 184 13.56 8.50 -3.20
N TYR A 185 12.53 8.36 -4.03
CA TYR A 185 11.95 7.05 -4.30
C TYR A 185 12.66 6.27 -5.39
N SER A 186 12.52 4.96 -5.30
CA SER A 186 13.02 4.04 -6.30
C SER A 186 12.01 2.90 -6.49
N LEU A 187 11.90 2.41 -7.73
CA LEU A 187 11.18 1.15 -8.01
C LEU A 187 11.68 0.43 -9.24
N SER A 188 11.32 -0.86 -9.32
CA SER A 188 11.56 -1.64 -10.52
C SER A 188 10.24 -2.18 -11.08
N SER A 189 10.20 -2.34 -12.40
CA SER A 189 9.08 -3.01 -13.06
C SER A 189 9.65 -4.14 -13.89
N VAL A 190 9.13 -5.34 -13.68
CA VAL A 190 9.61 -6.52 -14.42
C VAL A 190 8.52 -7.20 -15.21
N VAL A 191 8.94 -8.03 -16.16
CA VAL A 191 8.03 -8.87 -16.92
C VAL A 191 8.78 -10.15 -17.28
N THR A 192 8.07 -11.25 -17.13
CA THR A 192 8.58 -12.52 -17.60
C THR A 192 7.96 -12.79 -18.95
N VAL A 193 8.81 -13.28 -19.85
CA VAL A 193 8.46 -13.60 -21.23
C VAL A 193 9.12 -14.94 -21.63
N PRO A 194 8.60 -15.62 -22.66
CA PRO A 194 9.35 -16.81 -23.13
C PRO A 194 10.72 -16.38 -23.65
N SER A 195 11.77 -17.19 -23.44
CA SER A 195 13.12 -16.84 -23.93
C SER A 195 13.17 -16.77 -25.44
N SER A 196 12.31 -17.55 -26.10
CA SER A 196 12.19 -17.59 -27.57
C SER A 196 11.70 -16.25 -28.18
N SER A 197 11.08 -15.41 -27.34
CA SER A 197 10.61 -14.09 -27.78
C SER A 197 11.71 -13.01 -27.80
N LEU A 198 12.86 -13.28 -27.18
CA LEU A 198 13.93 -12.27 -27.00
C LEU A 198 14.50 -11.71 -28.31
N GLY A 199 14.91 -12.60 -29.21
CA GLY A 199 15.39 -12.19 -30.54
C GLY A 199 14.32 -11.57 -31.45
N THR A 200 13.06 -11.80 -31.10
CA THR A 200 11.89 -11.58 -31.96
C THR A 200 11.05 -10.33 -31.59
N GLN A 201 10.91 -10.08 -30.30
CA GLN A 201 10.06 -9.00 -29.86
C GLN A 201 10.88 -7.94 -29.15
N THR A 202 10.49 -6.67 -29.30
CA THR A 202 11.13 -5.58 -28.55
C THR A 202 10.38 -5.31 -27.25
N TYR A 203 11.12 -4.84 -26.24
CA TYR A 203 10.52 -4.53 -24.95
C TYR A 203 10.92 -3.12 -24.50
N ILE A 204 9.91 -2.27 -24.39
CA ILE A 204 10.10 -0.88 -23.96
C ILE A 204 9.24 -0.62 -22.74
N CYS A 205 9.86 -0.10 -21.68
CA CYS A 205 9.10 0.38 -20.53
C CYS A 205 8.79 1.87 -20.75
N ASN A 206 7.52 2.22 -20.65
CA ASN A 206 7.08 3.61 -20.77
C ASN A 206 6.89 4.21 -19.36
N VAL A 207 7.88 4.99 -18.95
CA VAL A 207 7.89 5.57 -17.61
C VAL A 207 7.45 7.03 -17.68
N ASN A 208 6.33 7.32 -17.03
CA ASN A 208 5.89 8.69 -16.95
C ASN A 208 5.81 9.22 -15.51
N HIS A 209 6.42 10.41 -15.34
CA HIS A 209 6.45 11.12 -14.08
C HIS A 209 5.85 12.50 -14.29
N LYS A 210 4.54 12.62 -14.08
CA LYS A 210 3.81 13.90 -14.27
C LYS A 210 4.37 15.09 -13.45
N PRO A 211 4.67 14.88 -12.15
CA PRO A 211 5.12 16.03 -11.34
C PRO A 211 6.29 16.80 -11.94
N SER A 212 7.19 16.12 -12.64
CA SER A 212 8.31 16.78 -13.29
C SER A 212 8.17 16.87 -14.81
N ASN A 213 7.02 16.45 -15.33
CA ASN A 213 6.83 16.27 -16.80
C ASN A 213 8.01 15.57 -17.47
N THR A 214 8.35 14.39 -16.99
CA THR A 214 9.37 13.55 -17.62
C THR A 214 8.69 12.30 -18.15
N LYS A 215 8.88 12.05 -19.45
CA LYS A 215 8.43 10.81 -20.07
C LYS A 215 9.65 10.15 -20.65
N VAL A 216 9.86 8.90 -20.26
CA VAL A 216 10.98 8.11 -20.75
C VAL A 216 10.48 6.77 -21.26
N ASP A 217 10.84 6.46 -22.50
CA ASP A 217 10.59 5.15 -23.09
C ASP A 217 11.93 4.48 -23.26
N LYS A 218 12.24 3.53 -22.39
CA LYS A 218 13.54 2.86 -22.40
C LYS A 218 13.45 1.47 -23.02
N ARG A 219 14.16 1.31 -24.13
CA ARG A 219 14.29 0.04 -24.83
C ARG A 219 15.20 -0.89 -24.01
N VAL A 220 14.67 -2.06 -23.68
CA VAL A 220 15.43 -3.04 -22.91
C VAL A 220 15.86 -4.19 -23.83
N GLU A 221 17.16 -4.41 -23.92
CA GLU A 221 17.72 -5.42 -24.83
C GLU A 221 18.64 -6.42 -24.11
N PRO A 222 18.73 -7.67 -24.64
CA PRO A 222 19.64 -8.66 -24.09
C PRO A 222 21.07 -8.13 -24.04
N LYS A 223 21.81 -8.54 -23.01
CA LYS A 223 23.18 -8.07 -22.75
C LYS A 223 23.38 -6.60 -23.13
N ASP B 1 -7.62 7.39 25.27
CA ASP B 1 -7.98 6.74 23.97
C ASP B 1 -8.23 5.25 24.21
N VAL B 2 -9.21 4.68 23.52
CA VAL B 2 -9.51 3.27 23.67
C VAL B 2 -8.67 2.51 22.63
N VAL B 3 -7.78 1.64 23.12
CA VAL B 3 -6.87 0.88 22.27
C VAL B 3 -7.62 -0.31 21.72
N MET B 4 -7.55 -0.52 20.41
CA MET B 4 -8.21 -1.65 19.77
C MET B 4 -7.14 -2.61 19.28
N THR B 5 -7.25 -3.89 19.64
CA THR B 5 -6.24 -4.87 19.25
C THR B 5 -6.85 -6.04 18.50
N GLN B 6 -6.32 -6.29 17.30
CA GLN B 6 -6.83 -7.37 16.47
C GLN B 6 -5.86 -8.55 16.47
N THR B 7 -6.39 -9.77 16.49
CA THR B 7 -5.57 -10.95 16.24
C THR B 7 -6.31 -11.86 15.26
N PRO B 8 -5.57 -12.50 14.33
CA PRO B 8 -4.14 -12.33 14.08
C PRO B 8 -3.96 -11.10 13.21
N LEU B 9 -2.71 -10.79 12.83
CA LEU B 9 -2.42 -9.69 11.93
C LEU B 9 -2.39 -10.13 10.47
N SER B 10 -2.06 -11.41 10.26
CA SER B 10 -2.10 -12.01 8.93
C SER B 10 -2.89 -13.29 9.01
N LEU B 11 -3.81 -13.45 8.07
CA LEU B 11 -4.67 -14.61 8.04
C LEU B 11 -4.69 -15.25 6.64
N PRO B 12 -3.91 -16.32 6.45
CA PRO B 12 -4.04 -17.09 5.21
C PRO B 12 -5.29 -17.96 5.25
N VAL B 13 -6.17 -17.85 4.26
CA VAL B 13 -7.34 -18.75 4.20
C VAL B 13 -7.48 -19.46 2.86
N THR B 14 -7.68 -20.77 2.91
CA THR B 14 -8.01 -21.58 1.73
C THR B 14 -9.42 -21.26 1.20
N PRO B 15 -9.56 -20.89 -0.10
CA PRO B 15 -10.87 -20.51 -0.64
C PRO B 15 -11.97 -21.50 -0.25
N GLY B 16 -13.11 -20.98 0.13
CA GLY B 16 -14.21 -21.82 0.60
C GLY B 16 -14.16 -22.21 2.06
N GLU B 17 -13.05 -21.93 2.76
CA GLU B 17 -12.94 -22.27 4.20
C GLU B 17 -13.38 -21.09 5.10
N PRO B 18 -13.70 -21.36 6.40
CA PRO B 18 -14.07 -20.27 7.33
C PRO B 18 -12.89 -19.40 7.73
N ALA B 19 -13.17 -18.18 8.17
CA ALA B 19 -12.14 -17.32 8.76
C ALA B 19 -12.72 -16.56 9.96
N SER B 20 -11.90 -16.42 11.03
CA SER B 20 -12.26 -15.61 12.23
C SER B 20 -11.23 -14.54 12.53
N ILE B 21 -11.70 -13.34 12.85
CA ILE B 21 -10.83 -12.24 13.23
C ILE B 21 -11.37 -11.69 14.53
N SER B 22 -10.51 -11.58 15.53
CA SER B 22 -10.93 -11.14 16.85
C SER B 22 -10.47 -9.69 17.07
N CYS B 23 -11.26 -8.93 17.82
CA CYS B 23 -10.91 -7.55 18.19
C CYS B 23 -11.19 -7.41 19.69
N THR B 24 -10.22 -6.86 20.43
CA THR B 24 -10.40 -6.56 21.86
C THR B 24 -10.23 -5.07 22.09
N SER B 25 -11.13 -4.45 22.84
CA SER B 25 -10.94 -3.03 23.18
C SER B 25 -10.36 -2.89 24.58
N GLY B 26 -9.62 -1.79 24.80
CA GLY B 26 -9.01 -1.50 26.13
C GLY B 26 -10.04 -1.33 27.25
N GLN B 27 -11.22 -0.83 26.91
CA GLN B 27 -12.32 -0.74 27.85
C GLN B 27 -13.66 -0.95 27.16
N SER B 28 -14.72 -1.09 27.95
CA SER B 28 -16.04 -1.38 27.41
C SER B 28 -16.50 -0.40 26.34
N LEU B 29 -17.15 -0.92 25.30
CA LEU B 29 -17.68 -0.11 24.22
C LEU B 29 -19.19 0.12 24.35
N VAL B 30 -19.74 -0.31 25.49
CA VAL B 30 -21.12 0.02 25.83
C VAL B 30 -21.20 1.52 26.11
N HIS B 31 -22.05 2.20 25.34
CA HIS B 31 -22.27 3.63 25.47
C HIS B 31 -23.27 3.88 26.59
N ILE B 32 -23.28 5.10 27.12
CA ILE B 32 -24.31 5.55 28.08
C ILE B 32 -25.76 5.41 27.55
N ASN B 33 -25.96 5.44 26.23
CA ASN B 33 -27.29 5.21 25.63
C ASN B 33 -27.63 3.74 25.46
N GLY B 34 -26.73 2.85 25.86
CA GLY B 34 -26.99 1.43 25.82
C GLY B 34 -26.48 0.70 24.59
N ASN B 35 -26.05 1.45 23.55
CA ASN B 35 -25.54 0.82 22.32
C ASN B 35 -24.07 0.47 22.44
N THR B 36 -23.66 -0.56 21.69
CA THR B 36 -22.26 -0.92 21.56
C THR B 36 -21.73 -0.60 20.15
N TYR B 37 -20.94 0.45 20.08
CA TYR B 37 -20.46 0.98 18.79
C TYR B 37 -19.15 0.36 18.34
N LEU B 38 -19.23 -0.92 18.02
CA LEU B 38 -18.11 -1.65 17.45
C LEU B 38 -18.51 -2.03 16.03
N HIS B 39 -17.71 -1.59 15.06
CA HIS B 39 -17.99 -1.89 13.66
C HIS B 39 -16.81 -2.58 12.98
N TRP B 40 -17.10 -3.32 11.91
CA TRP B 40 -16.07 -4.01 11.14
C TRP B 40 -16.05 -3.52 9.70
N TYR B 41 -14.85 -3.25 9.22
CA TYR B 41 -14.61 -2.85 7.84
C TYR B 41 -13.70 -3.80 7.08
N LEU B 42 -13.85 -3.81 5.75
CA LEU B 42 -12.90 -4.43 4.83
C LEU B 42 -12.36 -3.38 3.87
N GLN B 43 -11.04 -3.29 3.80
CA GLN B 43 -10.41 -2.42 2.85
C GLN B 43 -9.70 -3.27 1.80
N LYS B 44 -10.42 -3.55 0.71
CA LYS B 44 -9.86 -4.22 -0.47
C LYS B 44 -8.70 -3.43 -1.06
N PRO B 45 -7.76 -4.11 -1.78
CA PRO B 45 -6.53 -3.45 -2.27
C PRO B 45 -6.78 -2.20 -3.13
N GLY B 46 -6.08 -1.11 -2.84
CA GLY B 46 -6.29 0.14 -3.56
C GLY B 46 -7.56 0.92 -3.22
N GLN B 47 -8.53 0.28 -2.56
CA GLN B 47 -9.80 0.95 -2.23
C GLN B 47 -9.87 1.60 -0.83
N SER B 48 -10.88 2.43 -0.62
CA SER B 48 -11.19 2.93 0.72
C SER B 48 -11.85 1.82 1.51
N PRO B 49 -11.85 1.92 2.86
CA PRO B 49 -12.56 0.89 3.65
C PRO B 49 -14.05 0.86 3.36
N LYS B 50 -14.63 -0.32 3.41
CA LYS B 50 -16.06 -0.46 3.30
C LYS B 50 -16.64 -1.18 4.51
N LEU B 51 -17.80 -0.69 4.98
CA LEU B 51 -18.50 -1.22 6.15
C LEU B 51 -19.16 -2.58 5.90
N LEU B 52 -18.87 -3.52 6.80
CA LEU B 52 -19.41 -4.85 6.74
C LEU B 52 -20.52 -5.07 7.75
N ILE B 53 -20.23 -4.65 8.99
CA ILE B 53 -21.05 -4.98 10.16
C ILE B 53 -21.02 -3.78 11.09
N TYR B 54 -22.20 -3.31 11.51
CA TYR B 54 -22.29 -2.19 12.45
C TYR B 54 -22.90 -2.65 13.76
N LYS B 55 -22.50 -1.97 14.85
CA LYS B 55 -22.90 -2.29 16.21
C LYS B 55 -22.87 -3.77 16.51
N VAL B 56 -21.66 -4.33 16.42
CA VAL B 56 -21.38 -5.73 16.75
C VAL B 56 -21.82 -6.79 15.72
N SER B 57 -23.08 -6.77 15.31
CA SER B 57 -23.68 -7.93 14.63
C SER B 57 -24.73 -7.59 13.55
N ASN B 58 -24.86 -6.33 13.19
CA ASN B 58 -25.83 -5.95 12.19
C ASN B 58 -25.17 -5.86 10.82
N LEU B 59 -25.58 -6.75 9.93
CA LEU B 59 -25.09 -6.77 8.54
C LEU B 59 -25.53 -5.51 7.80
N PHE B 60 -24.57 -4.71 7.35
CA PHE B 60 -24.86 -3.50 6.59
C PHE B 60 -25.46 -3.90 5.24
N SER B 61 -26.41 -3.11 4.74
CA SER B 61 -27.12 -3.45 3.52
C SER B 61 -26.18 -3.49 2.34
N GLY B 62 -26.28 -4.55 1.55
CA GLY B 62 -25.43 -4.73 0.39
C GLY B 62 -24.29 -5.68 0.69
N VAL B 63 -24.06 -5.95 1.99
CA VAL B 63 -22.99 -6.86 2.39
C VAL B 63 -23.47 -8.31 2.40
N PRO B 64 -22.66 -9.23 1.83
CA PRO B 64 -23.03 -10.63 1.75
C PRO B 64 -23.18 -11.33 3.09
N ASP B 65 -24.20 -12.18 3.15
CA ASP B 65 -24.61 -12.99 4.29
C ASP B 65 -23.48 -13.77 4.96
N ARG B 66 -22.43 -14.08 4.20
CA ARG B 66 -21.34 -14.90 4.71
C ARG B 66 -20.51 -14.18 5.79
N PHE B 67 -20.64 -12.87 5.85
CA PHE B 67 -20.04 -12.10 6.92
C PHE B 67 -20.99 -12.05 8.10
N SER B 68 -20.46 -12.29 9.30
CA SER B 68 -21.22 -12.11 10.54
C SER B 68 -20.35 -11.69 11.73
N GLY B 69 -20.92 -10.87 12.61
CA GLY B 69 -20.26 -10.44 13.84
C GLY B 69 -20.95 -10.87 15.13
N SER B 70 -20.14 -11.12 16.16
CA SER B 70 -20.63 -11.33 17.52
C SER B 70 -19.71 -10.63 18.54
N GLY B 71 -20.01 -10.83 19.82
CA GLY B 71 -19.21 -10.28 20.92
C GLY B 71 -20.01 -9.39 21.86
N SER B 72 -19.33 -8.91 22.90
CA SER B 72 -19.92 -7.96 23.86
C SER B 72 -18.84 -7.39 24.76
N GLY B 73 -19.08 -6.20 25.31
CA GLY B 73 -18.14 -5.56 26.23
C GLY B 73 -16.89 -5.07 25.54
N THR B 74 -15.85 -5.89 25.60
CA THR B 74 -14.53 -5.59 25.05
C THR B 74 -14.06 -6.67 24.06
N ASP B 75 -14.74 -7.80 23.97
CA ASP B 75 -14.32 -8.88 23.07
C ASP B 75 -15.26 -9.01 21.88
N PHE B 76 -14.71 -8.97 20.67
CA PHE B 76 -15.51 -9.03 19.44
C PHE B 76 -14.88 -9.94 18.38
N THR B 77 -15.72 -10.63 17.60
CA THR B 77 -15.28 -11.59 16.57
C THR B 77 -16.03 -11.33 15.24
N LEU B 78 -15.28 -11.14 14.16
CA LEU B 78 -15.82 -11.18 12.78
C LEU B 78 -15.58 -12.59 12.21
N LYS B 79 -16.63 -13.18 11.66
CA LYS B 79 -16.50 -14.47 10.99
C LYS B 79 -16.91 -14.36 9.53
N ILE B 80 -16.14 -15.04 8.68
CA ILE B 80 -16.43 -15.18 7.27
C ILE B 80 -16.71 -16.65 7.04
N SER B 81 -17.95 -16.90 6.62
CA SER B 81 -18.48 -18.25 6.45
C SER B 81 -17.66 -19.16 5.51
N ARG B 82 -17.32 -18.64 4.33
CA ARG B 82 -16.59 -19.40 3.31
C ARG B 82 -15.85 -18.36 2.51
N VAL B 83 -14.54 -18.26 2.70
CA VAL B 83 -13.78 -17.18 2.09
C VAL B 83 -13.67 -17.35 0.57
N GLU B 84 -13.73 -16.20 -0.12
CA GLU B 84 -13.64 -16.09 -1.57
C GLU B 84 -12.69 -14.97 -1.99
N ALA B 85 -12.19 -15.04 -3.22
CA ALA B 85 -11.19 -14.10 -3.73
C ALA B 85 -11.55 -12.66 -3.51
N GLU B 86 -12.84 -12.35 -3.57
CA GLU B 86 -13.30 -10.98 -3.33
C GLU B 86 -13.17 -10.56 -1.85
N ASP B 87 -12.87 -11.51 -0.95
CA ASP B 87 -12.76 -11.21 0.49
C ASP B 87 -11.37 -10.74 0.92
N VAL B 88 -10.40 -10.77 -0.01
CA VAL B 88 -9.02 -10.39 0.27
C VAL B 88 -8.87 -8.91 0.61
N GLY B 89 -7.97 -8.60 1.54
CA GLY B 89 -7.69 -7.22 1.95
C GLY B 89 -7.51 -7.05 3.45
N VAL B 90 -7.51 -5.81 3.93
CA VAL B 90 -7.30 -5.57 5.34
C VAL B 90 -8.63 -5.29 6.05
N TYR B 91 -8.94 -6.13 7.02
CA TYR B 91 -10.10 -6.00 7.88
C TYR B 91 -9.75 -5.19 9.13
N PHE B 92 -10.53 -4.14 9.38
CA PHE B 92 -10.36 -3.27 10.56
C PHE B 92 -11.59 -3.31 11.46
N CYS B 93 -11.40 -3.45 12.78
CA CYS B 93 -12.48 -3.09 13.68
C CYS B 93 -12.41 -1.58 13.95
N SER B 94 -13.54 -1.01 14.35
CA SER B 94 -13.70 0.44 14.51
C SER B 94 -14.63 0.70 15.69
N GLN B 95 -14.21 1.51 16.66
CA GLN B 95 -15.10 1.84 17.77
C GLN B 95 -15.52 3.29 17.63
N SER B 96 -16.80 3.57 17.83
CA SER B 96 -17.24 4.96 17.92
C SER B 96 -18.02 5.27 19.20
N THR B 97 -17.69 4.56 20.28
CA THR B 97 -18.30 4.84 21.57
C THR B 97 -17.64 6.06 22.21
N HIS B 98 -16.31 6.08 22.13
CA HIS B 98 -15.53 7.09 22.84
C HIS B 98 -14.75 7.92 21.88
N PHE B 99 -14.74 9.22 22.12
CA PHE B 99 -13.81 10.14 21.48
C PHE B 99 -12.41 10.07 22.14
N PRO B 100 -11.33 10.06 21.33
CA PRO B 100 -11.33 10.05 19.87
C PRO B 100 -11.69 8.67 19.30
N PHE B 101 -12.37 8.63 18.16
CA PHE B 101 -12.70 7.34 17.55
C PHE B 101 -11.42 6.61 17.22
N THR B 102 -11.41 5.29 17.33
CA THR B 102 -10.17 4.56 17.11
C THR B 102 -10.42 3.31 16.32
N PHE B 103 -9.33 2.78 15.77
CA PHE B 103 -9.34 1.61 14.89
C PHE B 103 -8.32 0.56 15.35
N GLY B 104 -8.64 -0.72 15.15
CA GLY B 104 -7.66 -1.78 15.26
C GLY B 104 -6.50 -1.60 14.27
N GLN B 105 -5.46 -2.43 14.38
CA GLN B 105 -4.28 -2.29 13.50
C GLN B 105 -4.57 -2.75 12.08
N GLY B 106 -5.54 -3.64 11.94
CA GLY B 106 -5.84 -4.25 10.67
C GLY B 106 -5.41 -5.71 10.65
N THR B 107 -6.19 -6.54 9.97
CA THR B 107 -5.85 -7.93 9.79
C THR B 107 -5.84 -8.18 8.29
N LYS B 108 -4.68 -8.59 7.77
CA LYS B 108 -4.55 -8.82 6.32
C LYS B 108 -4.98 -10.25 6.03
N LEU B 109 -6.08 -10.39 5.28
CA LEU B 109 -6.50 -11.69 4.81
C LEU B 109 -5.92 -11.89 3.41
N GLU B 110 -5.30 -13.05 3.20
CA GLU B 110 -4.74 -13.43 1.91
C GLU B 110 -5.24 -14.83 1.56
N ILE B 111 -5.19 -15.19 0.29
CA ILE B 111 -5.60 -16.54 -0.13
C ILE B 111 -4.49 -17.53 0.13
N LYS B 112 -4.85 -18.66 0.76
CA LYS B 112 -3.91 -19.73 0.96
C LYS B 112 -3.89 -20.67 -0.25
N ARG B 113 -2.69 -21.02 -0.67
CA ARG B 113 -2.48 -21.94 -1.78
C ARG B 113 -1.28 -22.84 -1.40
N THR B 114 -0.94 -23.83 -2.21
CA THR B 114 0.22 -24.68 -1.87
C THR B 114 1.52 -23.90 -2.02
N VAL B 115 2.56 -24.36 -1.34
CA VAL B 115 3.89 -23.79 -1.47
C VAL B 115 4.31 -23.82 -2.95
N ALA B 116 4.87 -22.71 -3.44
CA ALA B 116 5.40 -22.64 -4.79
C ALA B 116 6.75 -21.93 -4.76
N ALA B 117 7.81 -22.65 -5.12
CA ALA B 117 9.18 -22.10 -5.20
C ALA B 117 9.25 -20.86 -6.11
N PRO B 118 10.07 -19.86 -5.73
CA PRO B 118 10.26 -18.71 -6.61
C PRO B 118 11.22 -19.00 -7.77
N SER B 119 10.90 -18.49 -8.95
CA SER B 119 11.88 -18.36 -10.03
C SER B 119 12.74 -17.15 -9.71
N VAL B 120 14.06 -17.36 -9.71
CA VAL B 120 15.04 -16.34 -9.33
C VAL B 120 15.75 -15.79 -10.57
N PHE B 121 15.93 -14.48 -10.62
CA PHE B 121 16.69 -13.82 -11.67
C PHE B 121 17.59 -12.75 -11.06
N ILE B 122 18.86 -12.72 -11.47
CA ILE B 122 19.81 -11.68 -11.06
C ILE B 122 20.12 -10.77 -12.26
N PHE B 123 20.16 -9.47 -12.00
CA PHE B 123 20.43 -8.46 -13.01
C PHE B 123 21.59 -7.58 -12.56
N PRO B 124 22.66 -7.51 -13.38
CA PRO B 124 23.78 -6.59 -13.10
C PRO B 124 23.36 -5.14 -13.31
N PRO B 125 24.14 -4.18 -12.79
CA PRO B 125 23.89 -2.76 -13.09
C PRO B 125 24.24 -2.40 -14.53
N SER B 126 23.46 -1.49 -15.13
CA SER B 126 23.74 -0.97 -16.48
C SER B 126 24.95 -0.02 -16.47
N ASP B 127 25.63 0.09 -17.61
CA ASP B 127 26.79 0.98 -17.72
C ASP B 127 26.37 2.45 -17.67
N GLU B 128 25.19 2.74 -18.19
CA GLU B 128 24.57 4.07 -18.06
C GLU B 128 24.48 4.49 -16.58
N GLN B 129 24.11 3.54 -15.71
CA GLN B 129 24.09 3.79 -14.27
C GLN B 129 25.50 3.81 -13.66
N LEU B 130 26.44 3.10 -14.27
CA LEU B 130 27.82 3.12 -13.80
C LEU B 130 28.50 4.47 -14.04
N LYS B 131 28.09 5.19 -15.09
CA LYS B 131 28.49 6.59 -15.28
C LYS B 131 28.01 7.48 -14.12
N SER B 132 26.96 7.04 -13.43
CA SER B 132 26.36 7.82 -12.35
C SER B 132 27.21 7.83 -11.11
N GLY B 133 28.03 6.79 -10.93
CA GLY B 133 28.81 6.60 -9.72
C GLY B 133 28.10 5.75 -8.70
N THR B 134 27.12 4.96 -9.14
CA THR B 134 26.37 4.05 -8.28
C THR B 134 26.04 2.77 -9.04
N ALA B 135 26.03 1.65 -8.32
CA ALA B 135 25.65 0.38 -8.90
C ALA B 135 24.47 -0.24 -8.16
N SER B 136 23.36 -0.42 -8.87
CA SER B 136 22.23 -1.19 -8.33
C SER B 136 22.20 -2.59 -8.93
N VAL B 137 22.29 -3.58 -8.05
CA VAL B 137 22.18 -4.98 -8.43
C VAL B 137 20.83 -5.51 -7.94
N VAL B 138 20.05 -6.07 -8.86
CA VAL B 138 18.68 -6.47 -8.58
C VAL B 138 18.49 -7.99 -8.67
N CYS B 139 17.82 -8.51 -7.66
CA CYS B 139 17.44 -9.91 -7.61
C CYS B 139 15.92 -9.99 -7.56
N LEU B 140 15.36 -10.83 -8.42
CA LEU B 140 13.94 -11.01 -8.52
C LEU B 140 13.53 -12.43 -8.14
N LEU B 141 12.57 -12.49 -7.22
CA LEU B 141 11.86 -13.71 -6.87
C LEU B 141 10.47 -13.60 -7.46
N ASN B 142 10.17 -14.47 -8.41
CA ASN B 142 8.93 -14.37 -9.17
C ASN B 142 7.93 -15.47 -8.85
N ASN B 143 6.69 -15.07 -8.62
CA ASN B 143 5.55 -15.96 -8.46
C ASN B 143 5.78 -17.08 -7.45
N PHE B 144 6.05 -16.69 -6.21
CA PHE B 144 6.24 -17.64 -5.13
C PHE B 144 5.16 -17.50 -4.06
N TYR B 145 4.98 -18.57 -3.30
CA TYR B 145 4.12 -18.59 -2.14
C TYR B 145 4.70 -19.56 -1.12
N PRO B 146 4.61 -19.25 0.19
CA PRO B 146 4.15 -18.03 0.86
C PRO B 146 5.13 -16.87 0.69
N ARG B 147 4.69 -15.69 1.14
CA ARG B 147 5.44 -14.44 1.08
C ARG B 147 6.85 -14.57 1.67
N GLU B 148 6.95 -15.31 2.77
CA GLU B 148 8.18 -15.44 3.53
C GLU B 148 9.32 -16.09 2.72
N ALA B 149 10.38 -15.31 2.52
CA ALA B 149 11.59 -15.77 1.87
C ALA B 149 12.76 -15.00 2.44
N LYS B 150 13.91 -15.66 2.54
CA LYS B 150 15.15 -15.00 2.93
C LYS B 150 16.04 -14.78 1.70
N VAL B 151 16.41 -13.52 1.48
CA VAL B 151 17.31 -13.16 0.40
C VAL B 151 18.64 -12.68 1.00
N GLN B 152 19.69 -13.46 0.81
CA GLN B 152 21.03 -13.07 1.26
C GLN B 152 21.88 -12.63 0.08
N TRP B 153 22.60 -11.52 0.26
CA TRP B 153 23.53 -11.05 -0.76
C TRP B 153 24.95 -11.50 -0.39
N LYS B 154 25.63 -12.11 -1.36
CA LYS B 154 27.01 -12.55 -1.19
C LYS B 154 27.89 -11.85 -2.23
N VAL B 155 28.94 -11.18 -1.75
CA VAL B 155 29.87 -10.46 -2.62
C VAL B 155 31.28 -11.02 -2.45
N ASP B 156 31.75 -11.71 -3.49
CA ASP B 156 32.94 -12.57 -3.41
C ASP B 156 32.81 -13.58 -2.26
N ASN B 157 31.62 -14.19 -2.20
CA ASN B 157 31.24 -15.15 -1.14
C ASN B 157 31.22 -14.57 0.29
N ALA B 158 31.34 -13.24 0.40
CA ALA B 158 31.18 -12.52 1.67
C ALA B 158 29.73 -11.99 1.84
N LEU B 159 29.12 -12.28 2.99
CA LEU B 159 27.69 -12.02 3.20
C LEU B 159 27.38 -10.59 3.63
N GLN B 160 26.62 -9.91 2.79
CA GLN B 160 26.22 -8.51 2.97
C GLN B 160 25.12 -8.34 4.00
N SER B 161 25.12 -7.17 4.65
CA SER B 161 24.06 -6.79 5.59
C SER B 161 23.78 -5.28 5.62
N GLY B 162 22.49 -4.93 5.62
CA GLY B 162 22.02 -3.53 5.71
C GLY B 162 22.19 -2.74 4.43
N ASN B 163 22.60 -3.45 3.40
CA ASN B 163 23.07 -2.88 2.16
C ASN B 163 22.01 -2.93 1.06
N SER B 164 20.92 -3.65 1.31
CA SER B 164 19.89 -3.87 0.30
C SER B 164 18.49 -3.57 0.81
N GLN B 165 17.61 -3.18 -0.11
CA GLN B 165 16.19 -2.97 0.20
C GLN B 165 15.33 -4.03 -0.50
N GLU B 166 14.32 -4.52 0.21
CA GLU B 166 13.35 -5.40 -0.40
C GLU B 166 12.06 -4.67 -0.68
N SER B 167 11.40 -5.10 -1.75
CA SER B 167 10.08 -4.65 -2.11
C SER B 167 9.27 -5.88 -2.51
N VAL B 168 7.97 -5.88 -2.17
CA VAL B 168 7.11 -7.02 -2.41
C VAL B 168 5.78 -6.57 -2.99
N THR B 169 5.27 -7.30 -3.97
CA THR B 169 3.97 -6.97 -4.55
C THR B 169 2.85 -7.39 -3.61
N GLU B 170 1.66 -6.87 -3.86
CA GLU B 170 0.45 -7.40 -3.22
C GLU B 170 0.22 -8.80 -3.75
N GLN B 171 -0.57 -9.60 -3.04
CA GLN B 171 -0.87 -10.94 -3.55
C GLN B 171 -1.51 -10.84 -4.92
N ASP B 172 -0.94 -11.55 -5.88
CA ASP B 172 -1.50 -11.60 -7.23
C ASP B 172 -2.85 -12.28 -7.15
N SER B 173 -3.90 -11.56 -7.53
CA SER B 173 -5.28 -12.01 -7.34
C SER B 173 -5.65 -13.22 -8.18
N LYS B 174 -4.84 -13.54 -9.19
CA LYS B 174 -5.19 -14.58 -10.14
C LYS B 174 -4.52 -15.91 -9.83
N ASP B 175 -3.24 -15.86 -9.46
CA ASP B 175 -2.50 -17.06 -9.07
C ASP B 175 -2.10 -17.15 -7.59
N SER B 176 -2.53 -16.16 -6.79
CA SER B 176 -2.28 -16.15 -5.35
C SER B 176 -0.80 -16.10 -4.95
N THR B 177 0.04 -15.63 -5.86
CA THR B 177 1.48 -15.57 -5.59
C THR B 177 1.97 -14.15 -5.33
N TYR B 178 3.19 -14.08 -4.82
CA TYR B 178 3.89 -12.84 -4.57
C TYR B 178 5.13 -12.81 -5.41
N SER B 179 5.59 -11.61 -5.73
CA SER B 179 6.93 -11.43 -6.26
C SER B 179 7.68 -10.41 -5.43
N LEU B 180 9.00 -10.49 -5.45
CA LEU B 180 9.83 -9.71 -4.57
C LEU B 180 11.08 -9.27 -5.30
N SER B 181 11.46 -8.00 -5.08
CA SER B 181 12.75 -7.51 -5.53
C SER B 181 13.65 -7.19 -4.34
N SER B 182 14.92 -7.56 -4.49
CA SER B 182 15.95 -7.14 -3.56
C SER B 182 16.98 -6.38 -4.35
N THR B 183 17.12 -5.10 -4.02
CA THR B 183 18.05 -4.22 -4.72
C THR B 183 19.24 -3.93 -3.81
N LEU B 184 20.40 -4.43 -4.19
CA LEU B 184 21.64 -4.11 -3.51
C LEU B 184 22.23 -2.85 -4.12
N THR B 185 22.59 -1.90 -3.27
CA THR B 185 23.15 -0.62 -3.70
C THR B 185 24.62 -0.48 -3.28
N LEU B 186 25.49 -0.19 -4.26
CA LEU B 186 26.92 0.00 -4.00
C LEU B 186 27.44 1.26 -4.68
N SER B 187 28.47 1.85 -4.09
CA SER B 187 29.22 2.92 -4.77
C SER B 187 29.95 2.30 -5.95
N LYS B 188 30.01 3.04 -7.05
CA LYS B 188 30.75 2.63 -8.24
C LYS B 188 32.14 2.07 -7.87
N ALA B 189 32.72 2.64 -6.81
CA ALA B 189 34.03 2.24 -6.32
C ALA B 189 34.00 0.84 -5.74
N ASP B 190 32.99 0.58 -4.91
CA ASP B 190 32.85 -0.74 -4.29
C ASP B 190 32.47 -1.82 -5.29
N TYR B 191 31.63 -1.47 -6.26
CA TYR B 191 31.23 -2.42 -7.29
C TYR B 191 32.42 -2.87 -8.12
N GLU B 192 33.24 -1.90 -8.53
CA GLU B 192 34.37 -2.13 -9.45
C GLU B 192 35.58 -2.84 -8.84
N LYS B 193 35.53 -3.16 -7.55
CA LYS B 193 36.66 -3.83 -6.90
C LYS B 193 36.35 -5.24 -6.37
N HIS B 194 35.22 -5.80 -6.79
CA HIS B 194 34.89 -7.21 -6.48
C HIS B 194 34.50 -7.97 -7.75
N LYS B 195 34.45 -9.29 -7.67
CA LYS B 195 34.22 -10.11 -8.87
C LYS B 195 32.87 -10.83 -8.91
N VAL B 196 32.58 -11.64 -7.88
CA VAL B 196 31.36 -12.44 -7.85
C VAL B 196 30.23 -11.71 -7.10
N TYR B 197 29.09 -11.60 -7.77
CA TYR B 197 27.87 -11.07 -7.17
C TYR B 197 26.77 -12.12 -7.23
N ALA B 198 26.38 -12.63 -6.06
CA ALA B 198 25.41 -13.73 -5.95
C ALA B 198 24.18 -13.37 -5.13
N CYS B 199 23.01 -13.68 -5.68
CA CYS B 199 21.77 -13.59 -4.94
C CYS B 199 21.44 -14.97 -4.39
N GLU B 200 21.43 -15.07 -3.06
CA GLU B 200 21.16 -16.33 -2.36
C GLU B 200 19.72 -16.37 -1.83
N VAL B 201 18.95 -17.40 -2.18
CA VAL B 201 17.51 -17.43 -1.85
C VAL B 201 17.07 -18.68 -1.08
N THR B 202 16.52 -18.48 0.12
CA THR B 202 15.91 -19.55 0.93
C THR B 202 14.39 -19.37 1.02
N HIS B 203 13.68 -20.49 0.95
CA HIS B 203 12.23 -20.51 0.89
C HIS B 203 11.72 -21.94 1.12
N GLN B 204 10.53 -22.07 1.72
CA GLN B 204 9.91 -23.38 1.95
C GLN B 204 9.76 -24.25 0.70
N GLY B 205 9.61 -23.63 -0.47
CA GLY B 205 9.47 -24.35 -1.74
C GLY B 205 10.77 -24.91 -2.30
N LEU B 206 11.87 -24.70 -1.60
CA LEU B 206 13.17 -25.19 -2.03
C LEU B 206 13.78 -25.99 -0.89
N SER B 207 14.06 -27.27 -1.14
CA SER B 207 14.73 -28.12 -0.16
C SER B 207 16.01 -27.47 0.32
N SER B 208 16.83 -27.03 -0.64
CA SER B 208 18.09 -26.33 -0.38
C SER B 208 18.18 -25.03 -1.21
N PRO B 209 18.92 -24.02 -0.70
CA PRO B 209 18.95 -22.67 -1.29
C PRO B 209 19.33 -22.57 -2.77
N VAL B 210 18.72 -21.61 -3.46
CA VAL B 210 19.05 -21.32 -4.85
C VAL B 210 19.93 -20.08 -4.91
N THR B 211 21.08 -20.21 -5.56
CA THR B 211 21.98 -19.09 -5.76
C THR B 211 22.07 -18.76 -7.25
N LYS B 212 21.85 -17.49 -7.57
CA LYS B 212 22.03 -16.99 -8.93
C LYS B 212 23.05 -15.87 -8.88
N SER B 213 24.03 -15.95 -9.78
CA SER B 213 25.18 -15.05 -9.75
C SER B 213 25.63 -14.62 -11.15
N PHE B 214 26.50 -13.60 -11.16
CA PHE B 214 27.23 -13.17 -12.34
C PHE B 214 28.57 -12.66 -11.88
N ASN B 215 29.54 -12.62 -12.79
CA ASN B 215 30.82 -11.96 -12.53
C ASN B 215 30.91 -10.68 -13.35
N ARG B 216 31.33 -9.61 -12.70
CA ARG B 216 31.38 -8.26 -13.28
C ARG B 216 32.25 -8.20 -14.55
N GLY B 217 31.65 -7.76 -15.66
CA GLY B 217 32.35 -7.67 -16.94
C GLY B 217 32.02 -8.79 -17.91
N GLU B 218 31.92 -10.01 -17.40
CA GLU B 218 31.62 -11.19 -18.21
C GLU B 218 30.10 -11.35 -18.46
#